data_8T48
#
_entry.id   8T48
#
_cell.length_a   35.789
_cell.length_b   118.716
_cell.length_c   50.695
_cell.angle_alpha   90.00
_cell.angle_beta   91.72
_cell.angle_gamma   90.00
#
_symmetry.space_group_name_H-M   'P 1 21 1'
#
loop_
_entity.id
_entity.type
_entity.pdbx_description
1 polymer Di-Ubiquitin
2 polymer 'NEDD4-binding protein 1'
3 non-polymer GLYCEROL
4 non-polymer 'LITHIUM ION'
5 water water
#
loop_
_entity_poly.entity_id
_entity_poly.type
_entity_poly.pdbx_seq_one_letter_code
_entity_poly.pdbx_strand_id
1 'polypeptide(L)'
;MGSSHHHHHHSSGLVPRGSHMQIFVKTLTGKTITLEVEPSDTIENVKAKIQDKEGIPPDQQRLIFAGKQLEDGRTLSDYN
IQKESTLHLVLRLRGGMQIFVKTLTGKTITLEVEPSDTIENVKAKIQDKEGIPPDQQRLIFAGKQLEDGRTLSDYNIQKE
STLHLVLRLRGG
;
A,B
2 'polypeptide(L)' MHHHHHHGENLYFQGSQRSSAETSELREALLKIFPDSEQKLKIDQILAAHPYMKDLNALSALVLDGNS C,D
#
loop_
_chem_comp.id
_chem_comp.type
_chem_comp.name
_chem_comp.formula
GOL non-polymer GLYCEROL 'C3 H8 O3'
LI non-polymer 'LITHIUM ION' 'Li 1'
#
# COMPACT_ATOMS: atom_id res chain seq x y z
N GLY A 18 1.44 49.82 -9.42
CA GLY A 18 2.30 48.69 -9.12
C GLY A 18 2.16 47.54 -10.11
N SER A 19 3.28 46.90 -10.44
CA SER A 19 3.27 45.78 -11.38
C SER A 19 3.10 44.43 -10.70
N HIS A 20 3.01 44.37 -9.37
CA HIS A 20 2.79 43.10 -8.70
C HIS A 20 1.43 42.52 -9.07
N MET A 21 1.27 41.22 -8.81
CA MET A 21 0.09 40.49 -9.21
C MET A 21 -0.07 39.25 -8.34
N GLN A 22 -1.28 38.70 -8.34
CA GLN A 22 -1.62 37.54 -7.53
C GLN A 22 -1.59 36.29 -8.40
N ILE A 23 -1.04 35.20 -7.84
CA ILE A 23 -1.12 33.88 -8.45
C ILE A 23 -1.37 32.85 -7.35
N PHE A 24 -1.90 31.70 -7.77
CA PHE A 24 -2.24 30.60 -6.89
C PHE A 24 -1.40 29.37 -7.23
N VAL A 25 -0.96 28.66 -6.19
CA VAL A 25 -0.19 27.43 -6.32
C VAL A 25 -0.99 26.33 -5.61
N LYS A 26 -1.50 25.39 -6.39
CA LYS A 26 -2.25 24.25 -5.87
C LYS A 26 -1.26 23.13 -5.52
N THR A 27 -1.34 22.64 -4.28
CA THR A 27 -0.56 21.47 -3.90
C THR A 27 -1.39 20.21 -4.11
N LEU A 28 -0.70 19.07 -4.13
CA LEU A 28 -1.41 17.81 -4.27
C LEU A 28 -1.98 17.31 -2.94
N THR A 29 -2.04 18.17 -1.92
CA THR A 29 -2.74 17.89 -0.66
C THR A 29 -3.98 18.74 -0.49
N GLY A 30 -4.47 19.35 -1.56
CA GLY A 30 -5.68 20.16 -1.52
C GLY A 30 -5.45 21.62 -1.18
N LYS A 31 -4.33 21.94 -0.51
CA LYS A 31 -4.05 23.33 -0.14
C LYS A 31 -3.70 24.17 -1.37
N THR A 32 -4.27 25.36 -1.45
CA THR A 32 -3.91 26.35 -2.47
C THR A 32 -3.15 27.48 -1.80
N ILE A 33 -1.94 27.76 -2.28
CA ILE A 33 -1.12 28.84 -1.76
C ILE A 33 -1.32 30.07 -2.64
N THR A 34 -1.67 31.19 -2.02
CA THR A 34 -1.78 32.46 -2.73
C THR A 34 -0.47 33.24 -2.57
N LEU A 35 0.10 33.67 -3.68
CA LEU A 35 1.37 34.37 -3.66
C LEU A 35 1.23 35.76 -4.28
N GLU A 36 2.07 36.69 -3.85
CA GLU A 36 2.20 37.98 -4.52
C GLU A 36 3.54 38.00 -5.26
N VAL A 37 3.49 38.24 -6.57
CA VAL A 37 4.66 38.11 -7.43
C VAL A 37 4.68 39.26 -8.42
N GLU A 38 5.80 39.37 -9.12
CA GLU A 38 6.02 40.23 -10.29
C GLU A 38 6.16 39.36 -11.53
N PRO A 39 5.69 39.81 -12.69
CA PRO A 39 5.98 39.05 -13.92
C PRO A 39 7.46 38.84 -14.15
N SER A 40 8.31 39.71 -13.61
CA SER A 40 9.76 39.54 -13.76
C SER A 40 10.36 38.58 -12.74
N ASP A 41 9.57 38.07 -11.80
CA ASP A 41 10.06 37.07 -10.86
C ASP A 41 10.46 35.80 -11.61
N THR A 42 11.60 35.21 -11.22
CA THR A 42 11.96 33.91 -11.77
C THR A 42 11.24 32.80 -11.01
N ILE A 43 11.14 31.63 -11.66
CA ILE A 43 10.63 30.44 -10.97
C ILE A 43 11.40 30.20 -9.67
N GLU A 44 12.72 30.44 -9.70
CA GLU A 44 13.54 30.34 -8.50
C GLU A 44 12.97 31.18 -7.36
N ASN A 45 12.66 32.46 -7.65
CA ASN A 45 12.05 33.33 -6.64
C ASN A 45 10.73 32.75 -6.12
N VAL A 46 9.90 32.19 -7.00
CA VAL A 46 8.59 31.70 -6.56
C VAL A 46 8.79 30.55 -5.56
N LYS A 47 9.75 29.67 -5.83
CA LYS A 47 10.01 28.55 -4.92
C LYS A 47 10.51 29.05 -3.57
N ALA A 48 11.28 30.14 -3.56
CA ALA A 48 11.69 30.72 -2.27
C ALA A 48 10.49 31.33 -1.54
N LYS A 49 9.57 31.92 -2.29
CA LYS A 49 8.37 32.44 -1.65
C LYS A 49 7.56 31.32 -1.02
N ILE A 50 7.50 30.17 -1.71
CA ILE A 50 6.77 29.02 -1.18
C ILE A 50 7.44 28.49 0.08
N GLN A 51 8.78 28.47 0.09
CA GLN A 51 9.49 28.05 1.29
C GLN A 51 9.19 28.99 2.45
N ASP A 52 9.28 30.30 2.20
CA ASP A 52 8.98 31.28 3.24
C ASP A 52 7.57 31.07 3.78
N LYS A 53 6.65 30.69 2.91
CA LYS A 53 5.24 30.58 3.27
C LYS A 53 4.91 29.21 3.87
N GLU A 54 5.36 28.13 3.25
CA GLU A 54 4.98 26.78 3.64
C GLU A 54 6.12 25.95 4.20
N GLY A 55 7.36 26.44 4.17
CA GLY A 55 8.48 25.70 4.69
C GLY A 55 9.04 24.64 3.78
N ILE A 56 8.48 24.47 2.58
CA ILE A 56 8.94 23.42 1.66
C ILE A 56 10.25 23.85 1.01
N PRO A 57 11.32 23.08 1.16
CA PRO A 57 12.60 23.45 0.54
C PRO A 57 12.46 23.52 -0.97
N PRO A 58 13.01 24.58 -1.59
CA PRO A 58 12.96 24.68 -3.06
C PRO A 58 13.50 23.45 -3.78
N ASP A 59 14.50 22.78 -3.17
N ASP A 59 14.49 22.75 -3.21
CA ASP A 59 15.05 21.55 -3.72
CA ASP A 59 15.01 21.59 -3.91
C ASP A 59 13.96 20.53 -4.05
C ASP A 59 14.00 20.44 -4.00
N GLN A 60 12.91 20.49 -3.24
CA GLN A 60 11.86 19.49 -3.38
C GLN A 60 10.72 19.93 -4.30
N GLN A 61 10.73 21.18 -4.78
CA GLN A 61 9.58 21.73 -5.49
C GLN A 61 9.71 21.54 -7.00
N ARG A 62 8.62 21.10 -7.62
CA ARG A 62 8.47 21.06 -9.08
C ARG A 62 7.20 21.84 -9.40
N LEU A 63 7.34 22.98 -10.06
CA LEU A 63 6.22 23.84 -10.39
C LEU A 63 5.77 23.58 -11.82
N ILE A 64 4.45 23.57 -12.02
CA ILE A 64 3.86 23.20 -13.29
C ILE A 64 2.80 24.23 -13.67
N PHE A 65 2.76 24.63 -14.92
CA PHE A 65 1.74 25.55 -15.39
C PHE A 65 1.13 25.00 -16.67
N ALA A 66 -0.16 24.70 -16.63
CA ALA A 66 -0.88 24.12 -17.77
C ALA A 66 -0.14 22.92 -18.36
N GLY A 67 0.35 22.06 -17.48
CA GLY A 67 0.98 20.83 -17.90
C GLY A 67 2.47 20.90 -18.13
N LYS A 68 3.07 22.08 -18.09
CA LYS A 68 4.47 22.27 -18.43
C LYS A 68 5.32 22.48 -17.17
N GLN A 69 6.43 21.75 -17.06
CA GLN A 69 7.30 21.95 -15.91
C GLN A 69 8.08 23.26 -16.10
N LEU A 70 8.25 24.03 -15.02
CA LEU A 70 8.84 25.35 -15.10
C LEU A 70 10.30 25.30 -14.66
N GLU A 71 11.18 25.95 -15.43
N GLU A 71 11.18 25.94 -15.42
CA GLU A 71 12.61 25.98 -15.20
CA GLU A 71 12.61 25.88 -15.12
C GLU A 71 12.98 27.10 -14.24
C GLU A 71 13.01 27.09 -14.28
N ASP A 72 13.93 26.84 -13.34
CA ASP A 72 14.26 27.80 -12.28
C ASP A 72 14.72 29.16 -12.81
N GLY A 73 15.47 29.18 -13.90
CA GLY A 73 16.00 30.44 -14.37
C GLY A 73 15.10 31.23 -15.27
N ARG A 74 13.89 30.75 -15.56
CA ARG A 74 12.95 31.51 -16.38
C ARG A 74 11.92 32.22 -15.50
N THR A 75 11.28 33.23 -16.07
CA THR A 75 10.37 34.12 -15.36
C THR A 75 8.91 33.72 -15.58
N LEU A 76 8.06 34.22 -14.71
CA LEU A 76 6.63 34.06 -14.93
C LEU A 76 6.24 34.63 -16.27
N SER A 77 6.83 35.79 -16.64
CA SER A 77 6.56 36.41 -17.93
C SER A 77 6.93 35.49 -19.10
N ASP A 78 8.10 34.86 -19.02
N ASP A 78 8.09 34.84 -19.02
CA ASP A 78 8.53 33.91 -20.05
CA ASP A 78 8.50 33.93 -20.09
C ASP A 78 7.43 32.89 -20.35
C ASP A 78 7.45 32.86 -20.34
N TYR A 79 6.74 32.42 -19.30
CA TYR A 79 5.74 31.38 -19.39
C TYR A 79 4.34 31.89 -19.63
N ASN A 80 4.17 33.21 -19.78
N ASN A 80 4.18 33.21 -19.78
CA ASN A 80 2.87 33.83 -19.99
CA ASN A 80 2.87 33.83 -19.99
C ASN A 80 1.96 33.63 -18.80
C ASN A 80 1.96 33.57 -18.80
N ILE A 81 2.52 33.63 -17.59
CA ILE A 81 1.75 33.43 -16.37
C ILE A 81 1.16 34.78 -15.94
N GLN A 82 -0.16 34.92 -16.10
CA GLN A 82 -0.90 36.15 -15.90
C GLN A 82 -1.40 36.28 -14.47
N LYS A 83 -2.03 37.42 -14.17
CA LYS A 83 -2.68 37.59 -12.87
C LYS A 83 -3.72 36.51 -12.66
N GLU A 84 -3.85 36.07 -11.42
N GLU A 84 -3.85 36.07 -11.41
N GLU A 84 -3.87 36.07 -11.42
CA GLU A 84 -4.78 35.02 -10.98
CA GLU A 84 -4.77 35.03 -10.98
CA GLU A 84 -4.82 35.04 -11.02
C GLU A 84 -4.54 33.71 -11.72
C GLU A 84 -4.54 33.71 -11.71
C GLU A 84 -4.51 33.67 -11.62
N SER A 85 -3.35 33.51 -12.26
CA SER A 85 -2.98 32.22 -12.82
C SER A 85 -2.84 31.19 -11.70
N THR A 86 -3.04 29.91 -12.04
CA THR A 86 -2.93 28.82 -11.09
C THR A 86 -1.84 27.87 -11.55
N LEU A 87 -0.89 27.62 -10.65
CA LEU A 87 0.17 26.63 -10.86
C LEU A 87 -0.09 25.44 -9.95
N HIS A 88 0.49 24.29 -10.29
CA HIS A 88 0.47 23.12 -9.44
C HIS A 88 1.87 22.84 -8.90
N LEU A 89 1.95 22.37 -7.67
CA LEU A 89 3.21 22.05 -7.01
C LEU A 89 3.29 20.56 -6.80
N VAL A 90 4.22 19.91 -7.50
CA VAL A 90 4.53 18.49 -7.27
C VAL A 90 5.78 18.42 -6.40
N LEU A 91 5.76 17.54 -5.39
CA LEU A 91 6.92 17.42 -4.51
C LEU A 91 7.77 16.21 -4.88
N ARG A 92 9.08 16.38 -4.80
CA ARG A 92 10.01 15.25 -4.94
C ARG A 92 10.02 14.43 -3.65
N LEU A 93 9.76 13.14 -3.77
CA LEU A 93 9.66 12.29 -2.60
C LEU A 93 11.04 11.76 -2.21
N ARG A 94 11.24 11.57 -0.90
N ARG A 94 11.25 11.58 -0.90
CA ARG A 94 12.52 11.12 -0.38
CA ARG A 94 12.53 11.14 -0.37
C ARG A 94 12.30 10.06 0.70
C ARG A 94 12.31 10.09 0.71
N GLY A 95 13.36 9.32 0.99
CA GLY A 95 13.33 8.35 2.06
C GLY A 95 12.83 6.99 1.62
N GLY A 96 12.65 6.12 2.62
CA GLY A 96 12.34 4.73 2.35
C GLY A 96 10.99 4.56 1.67
N MET A 97 10.89 3.52 0.83
CA MET A 97 9.71 3.24 0.05
C MET A 97 9.68 1.76 -0.32
N GLN A 98 8.51 1.31 -0.76
N GLN A 98 8.51 1.30 -0.77
CA GLN A 98 8.30 -0.01 -1.33
CA GLN A 98 8.34 -0.05 -1.30
C GLN A 98 8.44 0.06 -2.84
C GLN A 98 8.36 0.00 -2.81
N ILE A 99 8.96 -1.02 -3.44
CA ILE A 99 8.82 -1.25 -4.87
C ILE A 99 8.43 -2.71 -5.06
N PHE A 100 7.84 -2.98 -6.21
CA PHE A 100 7.32 -4.30 -6.53
C PHE A 100 8.02 -4.86 -7.75
N VAL A 101 8.39 -6.14 -7.70
CA VAL A 101 9.21 -6.76 -8.74
C VAL A 101 8.47 -7.99 -9.26
N LYS A 102 8.04 -7.93 -10.53
CA LYS A 102 7.23 -8.98 -11.15
C LYS A 102 8.14 -9.95 -11.91
N THR A 103 7.88 -11.24 -11.73
CA THR A 103 8.68 -12.27 -12.40
C THR A 103 7.87 -12.92 -13.51
N LEU A 104 8.59 -13.64 -14.38
CA LEU A 104 7.90 -14.34 -15.46
C LEU A 104 6.90 -15.34 -14.93
N THR A 105 7.23 -16.02 -13.83
CA THR A 105 6.33 -17.03 -13.27
C THR A 105 5.11 -16.45 -12.55
N GLY A 106 4.93 -15.13 -12.54
CA GLY A 106 3.75 -14.55 -11.94
C GLY A 106 3.91 -14.05 -10.51
N LYS A 107 5.11 -14.10 -9.97
N LYS A 107 5.11 -14.06 -9.98
CA LYS A 107 5.35 -13.65 -8.61
CA LYS A 107 5.31 -13.67 -8.59
C LYS A 107 5.49 -12.15 -8.57
C LYS A 107 5.59 -12.19 -8.50
N THR A 108 5.02 -11.55 -7.48
CA THR A 108 5.29 -10.15 -7.19
C THR A 108 6.07 -10.09 -5.89
N ILE A 109 7.36 -9.78 -5.98
CA ILE A 109 8.22 -9.62 -4.82
C ILE A 109 8.11 -8.18 -4.35
N THR A 110 8.04 -7.99 -3.03
CA THR A 110 7.92 -6.66 -2.42
C THR A 110 9.23 -6.32 -1.73
N LEU A 111 9.82 -5.18 -2.06
CA LEU A 111 11.12 -4.78 -1.51
C LEU A 111 10.99 -3.48 -0.75
N GLU A 112 11.68 -3.39 0.39
CA GLU A 112 11.87 -2.10 1.06
C GLU A 112 13.19 -1.50 0.60
N VAL A 113 13.14 -0.28 0.03
CA VAL A 113 14.29 0.35 -0.62
C VAL A 113 14.31 1.84 -0.30
N GLU A 114 15.40 2.47 -0.70
CA GLU A 114 15.55 3.91 -0.66
C GLU A 114 16.06 4.37 -2.01
N PRO A 115 15.75 5.61 -2.40
CA PRO A 115 16.24 6.15 -3.68
C PRO A 115 17.74 6.01 -3.89
N SER A 116 18.53 6.01 -2.82
CA SER A 116 19.99 5.93 -2.92
C SER A 116 20.51 4.50 -3.03
N ASP A 117 19.66 3.48 -2.84
CA ASP A 117 20.11 2.10 -3.03
C ASP A 117 20.60 1.87 -4.45
N THR A 118 21.70 1.14 -4.60
CA THR A 118 22.15 0.80 -5.94
C THR A 118 21.36 -0.37 -6.50
N ILE A 119 21.41 -0.50 -7.82
CA ILE A 119 20.81 -1.67 -8.46
C ILE A 119 21.45 -2.93 -7.91
N GLU A 120 22.74 -2.87 -7.63
CA GLU A 120 23.43 -3.97 -6.97
C GLU A 120 22.77 -4.35 -5.65
N ASN A 121 22.47 -3.35 -4.79
N ASN A 121 22.52 -3.35 -4.79
CA ASN A 121 21.83 -3.66 -3.51
CA ASN A 121 21.80 -3.56 -3.52
C ASN A 121 20.40 -4.15 -3.70
C ASN A 121 20.44 -4.20 -3.76
N VAL A 122 19.71 -3.71 -4.75
CA VAL A 122 18.35 -4.20 -4.98
C VAL A 122 18.37 -5.67 -5.36
N LYS A 123 19.32 -6.06 -6.21
CA LYS A 123 19.47 -7.46 -6.59
C LYS A 123 19.84 -8.33 -5.39
N ALA A 124 20.64 -7.78 -4.47
CA ALA A 124 20.94 -8.48 -3.22
C ALA A 124 19.69 -8.65 -2.37
N LYS A 125 18.81 -7.63 -2.32
CA LYS A 125 17.56 -7.80 -1.58
C LYS A 125 16.68 -8.87 -2.19
N ILE A 126 16.67 -8.98 -3.53
CA ILE A 126 15.95 -10.06 -4.21
C ILE A 126 16.56 -11.41 -3.85
N GLN A 127 17.90 -11.50 -3.81
CA GLN A 127 18.53 -12.77 -3.44
C GLN A 127 18.13 -13.19 -2.03
N ASP A 128 18.07 -12.22 -1.10
CA ASP A 128 17.63 -12.51 0.27
C ASP A 128 16.21 -13.03 0.33
N LYS A 129 15.33 -12.56 -0.55
CA LYS A 129 13.94 -12.99 -0.46
C LYS A 129 13.70 -14.30 -1.21
N GLU A 130 14.34 -14.50 -2.35
CA GLU A 130 13.98 -15.61 -3.23
C GLU A 130 15.14 -16.50 -3.61
N GLY A 131 16.36 -16.21 -3.14
CA GLY A 131 17.49 -17.04 -3.45
C GLY A 131 18.02 -16.91 -4.87
N ILE A 132 17.56 -15.90 -5.61
CA ILE A 132 17.97 -15.73 -7.00
C ILE A 132 19.32 -15.01 -7.07
N PRO A 133 20.33 -15.62 -7.70
CA PRO A 133 21.66 -14.98 -7.78
C PRO A 133 21.61 -13.65 -8.50
N PRO A 134 22.27 -12.61 -7.96
CA PRO A 134 22.27 -11.31 -8.66
C PRO A 134 22.78 -11.37 -10.08
N ASP A 135 23.80 -12.19 -10.36
CA ASP A 135 24.33 -12.30 -11.72
C ASP A 135 23.32 -12.91 -12.69
N GLN A 136 22.32 -13.62 -12.19
CA GLN A 136 21.26 -14.13 -13.05
C GLN A 136 20.14 -13.11 -13.29
N GLN A 137 20.13 -12.01 -12.54
CA GLN A 137 19.02 -11.04 -12.58
C GLN A 137 19.25 -9.94 -13.61
N ARG A 138 18.20 -9.64 -14.35
CA ARG A 138 18.14 -8.40 -15.14
C ARG A 138 16.88 -7.65 -14.72
N LEU A 139 17.04 -6.42 -14.25
CA LEU A 139 15.89 -5.61 -13.82
C LEU A 139 15.52 -4.60 -14.90
N ILE A 140 14.22 -4.45 -15.14
CA ILE A 140 13.69 -3.57 -16.18
C ILE A 140 12.76 -2.55 -15.54
N PHE A 141 12.93 -1.29 -15.91
CA PHE A 141 12.04 -0.22 -15.46
C PHE A 141 11.76 0.69 -16.65
N ALA A 142 10.49 0.93 -16.91
CA ALA A 142 10.08 1.76 -18.03
C ALA A 142 10.77 1.33 -19.32
N GLY A 143 10.86 0.01 -19.54
CA GLY A 143 11.43 -0.57 -20.75
C GLY A 143 12.94 -0.62 -20.82
N LYS A 144 13.65 -0.10 -19.82
CA LYS A 144 15.10 0.03 -19.81
C LYS A 144 15.71 -1.00 -18.86
N GLN A 145 16.76 -1.66 -19.32
CA GLN A 145 17.55 -2.52 -18.45
C GLN A 145 18.39 -1.67 -17.51
N LEU A 146 18.36 -1.97 -16.21
CA LEU A 146 19.03 -1.15 -15.21
C LEU A 146 20.44 -1.68 -14.97
N GLU A 147 21.42 -0.79 -14.91
CA GLU A 147 22.83 -1.17 -14.81
C GLU A 147 23.32 -1.11 -13.36
N ASP A 148 24.22 -2.02 -13.00
CA ASP A 148 24.48 -2.36 -11.58
C ASP A 148 24.94 -1.15 -10.76
N GLY A 149 25.85 -0.34 -11.32
CA GLY A 149 26.47 0.75 -10.57
C GLY A 149 25.63 2.03 -10.46
N ARG A 150 24.37 1.97 -10.87
CA ARG A 150 23.46 3.10 -10.75
C ARG A 150 22.61 2.92 -9.49
N THR A 151 21.88 3.97 -9.13
CA THR A 151 20.91 3.91 -8.04
C THR A 151 19.50 3.99 -8.61
N LEU A 152 18.53 3.65 -7.75
CA LEU A 152 17.13 3.81 -8.11
C LEU A 152 16.82 5.24 -8.56
N SER A 153 17.39 6.23 -7.86
CA SER A 153 17.14 7.62 -8.20
C SER A 153 17.74 7.99 -9.55
N ASP A 154 18.80 7.31 -9.98
CA ASP A 154 19.35 7.59 -11.31
C ASP A 154 18.30 7.36 -12.40
N TYR A 155 17.46 6.34 -12.22
CA TYR A 155 16.43 5.99 -13.18
C TYR A 155 15.08 6.60 -12.85
N ASN A 156 14.99 7.44 -11.83
CA ASN A 156 13.74 8.10 -11.45
C ASN A 156 12.67 7.10 -10.98
N ILE A 157 13.09 5.96 -10.43
CA ILE A 157 12.17 4.95 -9.93
C ILE A 157 11.44 5.46 -8.68
N GLN A 158 10.13 5.23 -8.61
CA GLN A 158 9.31 5.92 -7.60
C GLN A 158 8.68 4.94 -6.62
N LYS A 159 8.22 5.48 -5.49
CA LYS A 159 7.45 4.74 -4.50
C LYS A 159 6.33 3.94 -5.16
N GLU A 160 6.27 2.65 -4.85
CA GLU A 160 5.26 1.66 -5.28
C GLU A 160 5.33 1.32 -6.77
N SER A 161 6.37 1.78 -7.47
N SER A 161 6.34 1.80 -7.49
CA SER A 161 6.57 1.41 -8.87
CA SER A 161 6.45 1.44 -8.89
C SER A 161 6.75 -0.11 -9.01
C SER A 161 6.81 -0.06 -9.04
N THR A 162 6.48 -0.59 -10.21
CA THR A 162 6.72 -2.00 -10.56
C THR A 162 7.98 -2.10 -11.42
N LEU A 163 8.89 -2.98 -11.05
CA LEU A 163 10.01 -3.37 -11.89
C LEU A 163 9.76 -4.78 -12.40
N HIS A 164 10.37 -5.12 -13.52
CA HIS A 164 10.24 -6.48 -14.06
C HIS A 164 11.57 -7.20 -13.93
N LEU A 165 11.54 -8.40 -13.35
CA LEU A 165 12.73 -9.20 -13.18
C LEU A 165 12.79 -10.26 -14.27
N VAL A 166 13.84 -10.20 -15.09
CA VAL A 166 14.14 -11.21 -16.10
C VAL A 166 15.26 -12.10 -15.58
N LEU A 167 15.10 -13.40 -15.74
CA LEU A 167 16.13 -14.35 -15.33
C LEU A 167 16.96 -14.76 -16.54
N ARG A 168 18.27 -14.49 -16.50
CA ARG A 168 19.21 -14.95 -17.51
C ARG A 168 19.29 -16.47 -17.53
N LEU A 169 19.77 -17.01 -18.64
CA LEU A 169 20.19 -18.42 -18.66
C LEU A 169 21.50 -18.54 -17.89
N ARG A 170 21.56 -19.51 -16.97
CA ARG A 170 22.75 -19.74 -16.14
C ARG A 170 23.07 -21.23 -16.10
N GLY A 171 24.37 -21.54 -16.09
CA GLY A 171 24.80 -22.93 -16.07
C GLY A 171 24.77 -23.59 -14.71
N GLY A 172 24.75 -22.81 -13.63
CA GLY A 172 24.82 -23.35 -12.29
C GLY A 172 26.19 -23.94 -11.92
N GLY B 18 -2.00 -48.40 22.85
CA GLY B 18 -3.05 -47.56 22.30
C GLY B 18 -2.58 -46.68 21.16
N SER B 19 -3.53 -46.04 20.48
CA SER B 19 -3.25 -45.16 19.35
C SER B 19 -3.31 -43.69 19.70
N HIS B 20 -3.53 -43.35 20.97
CA HIS B 20 -3.51 -41.96 21.39
C HIS B 20 -2.09 -41.39 21.27
N MET B 21 -2.01 -40.06 21.20
CA MET B 21 -0.73 -39.41 20.95
C MET B 21 -0.76 -37.99 21.49
N GLN B 22 0.41 -37.40 21.53
CA GLN B 22 0.59 -36.04 22.03
C GLN B 22 0.73 -35.09 20.85
N ILE B 23 0.03 -33.96 20.91
CA ILE B 23 0.29 -32.86 19.99
C ILE B 23 0.37 -31.57 20.78
N PHE B 24 0.99 -30.58 20.17
CA PHE B 24 1.20 -29.28 20.78
C PHE B 24 0.50 -28.20 19.96
N VAL B 25 -0.03 -27.21 20.65
CA VAL B 25 -0.76 -26.10 20.02
C VAL B 25 -0.17 -24.79 20.52
N LYS B 26 0.53 -24.08 19.63
CA LYS B 26 1.20 -22.82 19.95
C LYS B 26 0.26 -21.66 19.67
N THR B 27 0.00 -20.84 20.69
CA THR B 27 -0.74 -19.60 20.47
C THR B 27 0.21 -18.49 20.01
N LEU B 28 -0.37 -17.44 19.47
CA LEU B 28 0.46 -16.34 18.99
C LEU B 28 0.94 -15.43 20.12
N THR B 29 0.75 -15.89 21.36
CA THR B 29 1.10 -15.17 22.58
C THR B 29 2.25 -15.84 23.34
N GLY B 30 2.85 -16.89 22.78
CA GLY B 30 3.96 -17.58 23.42
C GLY B 30 3.58 -18.82 24.18
N LYS B 31 2.32 -18.95 24.57
CA LYS B 31 1.82 -20.14 25.23
C LYS B 31 1.88 -21.35 24.30
N THR B 32 2.13 -22.52 24.88
CA THR B 32 2.07 -23.79 24.15
C THR B 32 1.19 -24.76 24.93
N ILE B 33 0.09 -25.15 24.30
CA ILE B 33 -0.87 -26.07 24.88
C ILE B 33 -0.50 -27.49 24.46
N THR B 34 -0.43 -28.39 25.43
CA THR B 34 -0.25 -29.81 25.15
C THR B 34 -1.61 -30.49 25.22
N LEU B 35 -1.88 -31.36 24.24
CA LEU B 35 -3.14 -32.10 24.19
C LEU B 35 -2.86 -33.58 23.93
N GLU B 36 -3.76 -34.43 24.40
CA GLU B 36 -3.75 -35.84 24.03
C GLU B 36 -4.90 -36.09 23.08
N VAL B 37 -4.62 -36.74 21.96
CA VAL B 37 -5.59 -36.88 20.88
C VAL B 37 -5.45 -38.26 20.24
N GLU B 38 -6.40 -38.56 19.40
CA GLU B 38 -6.50 -39.72 18.53
C GLU B 38 -6.39 -39.27 17.08
N PRO B 39 -5.72 -40.03 16.21
CA PRO B 39 -5.68 -39.65 14.80
C PRO B 39 -7.06 -39.57 14.18
N SER B 40 -8.06 -40.22 14.79
CA SER B 40 -9.43 -40.16 14.31
C SER B 40 -10.19 -38.96 14.87
N ASP B 41 -9.56 -38.14 15.71
CA ASP B 41 -10.21 -36.93 16.19
C ASP B 41 -10.40 -35.92 15.07
N THR B 42 -11.58 -35.29 15.05
CA THR B 42 -11.83 -34.19 14.13
C THR B 42 -11.22 -32.89 14.67
N ILE B 43 -11.09 -31.91 13.77
CA ILE B 43 -10.59 -30.59 14.21
C ILE B 43 -11.58 -29.98 15.19
N GLU B 44 -12.88 -30.25 14.98
CA GLU B 44 -13.91 -29.78 15.89
C GLU B 44 -13.63 -30.22 17.31
N ASN B 45 -13.22 -31.47 17.52
CA ASN B 45 -12.96 -31.99 18.86
CA ASN B 45 -13.03 -31.85 18.90
C ASN B 45 -11.63 -31.50 19.42
N VAL B 46 -10.67 -31.20 18.54
CA VAL B 46 -9.45 -30.57 19.04
C VAL B 46 -9.79 -29.21 19.64
N LYS B 47 -10.64 -28.45 18.94
CA LYS B 47 -11.07 -27.16 19.45
C LYS B 47 -11.80 -27.31 20.78
N ALA B 48 -12.65 -28.34 20.91
CA ALA B 48 -13.29 -28.61 22.19
C ALA B 48 -12.26 -28.89 23.28
N LYS B 49 -11.23 -29.67 22.96
CA LYS B 49 -10.19 -29.94 23.96
C LYS B 49 -9.49 -28.65 24.37
N ILE B 50 -9.33 -27.71 23.44
CA ILE B 50 -8.67 -26.45 23.77
C ILE B 50 -9.56 -25.60 24.67
N GLN B 51 -10.86 -25.59 24.39
CA GLN B 51 -11.81 -24.92 25.27
C GLN B 51 -11.75 -25.50 26.67
N ASP B 52 -11.69 -26.83 26.79
CA ASP B 52 -11.65 -27.45 28.11
C ASP B 52 -10.38 -27.06 28.87
N LYS B 53 -9.26 -26.96 28.16
CA LYS B 53 -8.00 -26.68 28.84
C LYS B 53 -7.68 -25.19 28.94
N GLU B 54 -8.31 -24.34 28.14
CA GLU B 54 -7.96 -22.92 28.09
C GLU B 54 -9.13 -21.97 28.20
N GLY B 55 -10.36 -22.43 28.05
CA GLY B 55 -11.51 -21.56 28.14
C GLY B 55 -11.85 -20.81 26.86
N ILE B 56 -11.12 -21.06 25.78
CA ILE B 56 -11.30 -20.33 24.52
C ILE B 56 -12.42 -20.98 23.72
N PRO B 57 -13.48 -20.25 23.40
CA PRO B 57 -14.59 -20.83 22.60
C PRO B 57 -14.10 -21.30 21.25
N PRO B 58 -14.57 -22.46 20.77
CA PRO B 58 -14.20 -22.90 19.42
C PRO B 58 -14.62 -21.92 18.35
N ASP B 59 -15.63 -21.10 18.62
CA ASP B 59 -16.04 -20.03 17.72
C ASP B 59 -14.88 -19.11 17.38
N GLN B 60 -13.94 -18.94 18.29
CA GLN B 60 -12.86 -17.96 18.10
C GLN B 60 -11.55 -18.62 17.68
N GLN B 61 -11.52 -19.93 17.51
CA GLN B 61 -10.29 -20.66 17.23
C GLN B 61 -10.12 -20.89 15.74
N ARG B 62 -8.89 -20.68 15.27
CA ARG B 62 -8.48 -21.05 13.92
C ARG B 62 -7.21 -21.86 14.04
N LEU B 63 -7.25 -23.12 13.61
CA LEU B 63 -6.12 -24.02 13.76
C LEU B 63 -5.40 -24.17 12.42
N ILE B 64 -4.07 -24.20 12.48
CA ILE B 64 -3.21 -24.18 11.31
C ILE B 64 -2.15 -25.25 11.50
N PHE B 65 -1.93 -26.07 10.47
CA PHE B 65 -0.86 -27.06 10.48
C PHE B 65 0.00 -26.86 9.24
N ALA B 66 1.27 -26.50 9.45
CA ALA B 66 2.22 -26.17 8.38
C ALA B 66 1.59 -25.25 7.33
N GLY B 67 0.87 -24.24 7.81
CA GLY B 67 0.37 -23.19 6.95
C GLY B 67 -1.02 -23.41 6.41
N LYS B 68 -1.61 -24.57 6.64
CA LYS B 68 -2.93 -24.92 6.11
C LYS B 68 -3.97 -24.72 7.20
N GLN B 69 -4.96 -23.89 6.91
CA GLN B 69 -6.11 -23.73 7.80
C GLN B 69 -6.89 -25.04 7.86
N LEU B 70 -7.17 -25.51 9.08
CA LEU B 70 -7.77 -26.83 9.28
C LEU B 70 -9.28 -26.72 9.40
N GLU B 71 -9.99 -27.62 8.73
CA GLU B 71 -11.45 -27.60 8.67
C GLU B 71 -12.04 -28.42 9.82
N ASP B 72 -13.18 -27.95 10.34
CA ASP B 72 -13.75 -28.51 11.57
C ASP B 72 -14.15 -29.98 11.40
N GLY B 73 -14.71 -30.34 10.25
CA GLY B 73 -15.17 -31.71 10.09
C GLY B 73 -14.15 -32.70 9.56
N ARG B 74 -12.89 -32.32 9.43
CA ARG B 74 -11.86 -33.25 8.95
C ARG B 74 -10.99 -33.70 10.12
N THR B 75 -10.28 -34.81 9.93
CA THR B 75 -9.60 -35.45 11.05
C THR B 75 -8.11 -35.15 11.05
N LEU B 76 -7.50 -35.35 12.22
CA LEU B 76 -6.06 -35.26 12.33
C LEU B 76 -5.37 -36.18 11.33
N SER B 77 -5.88 -37.41 11.20
CA SER B 77 -5.32 -38.35 10.23
C SER B 77 -5.43 -37.83 8.80
N ASP B 78 -6.57 -37.21 8.46
N ASP B 78 -6.57 -37.20 8.46
CA ASP B 78 -6.74 -36.63 7.13
CA ASP B 78 -6.73 -36.64 7.12
C ASP B 78 -5.62 -35.64 6.79
C ASP B 78 -5.64 -35.63 6.79
N TYR B 79 -5.17 -34.87 7.77
CA TYR B 79 -4.17 -33.83 7.57
C TYR B 79 -2.74 -34.33 7.82
N ASN B 80 -2.58 -35.61 8.13
CA ASN B 80 -1.27 -36.22 8.41
C ASN B 80 -0.61 -35.63 9.65
N ILE B 81 -1.42 -35.20 10.61
CA ILE B 81 -0.93 -34.74 11.91
C ILE B 81 -0.58 -35.96 12.75
N GLN B 82 0.71 -36.16 13.00
CA GLN B 82 1.20 -37.32 13.73
C GLN B 82 1.69 -36.90 15.12
N LYS B 83 2.25 -37.87 15.84
CA LYS B 83 2.63 -37.63 17.22
C LYS B 83 3.66 -36.52 17.32
N GLU B 84 3.54 -35.70 18.36
CA GLU B 84 4.41 -34.55 18.62
C GLU B 84 4.30 -33.47 17.53
N SER B 85 3.27 -33.52 16.69
CA SER B 85 3.04 -32.44 15.74
C SER B 85 2.72 -31.15 16.49
N THR B 86 3.06 -30.02 15.87
CA THR B 86 2.75 -28.72 16.43
C THR B 86 1.82 -27.97 15.48
N LEU B 87 0.72 -27.45 16.02
CA LEU B 87 -0.20 -26.61 15.27
C LEU B 87 -0.07 -25.19 15.82
N HIS B 88 -0.57 -24.24 15.04
CA HIS B 88 -0.68 -22.87 15.52
C HIS B 88 -2.16 -22.54 15.72
N LEU B 89 -2.44 -21.76 16.74
CA LEU B 89 -3.80 -21.32 17.04
C LEU B 89 -3.88 -19.81 16.86
N VAL B 90 -4.63 -19.40 15.87
CA VAL B 90 -4.92 -17.99 15.62
C VAL B 90 -6.29 -17.71 16.20
N LEU B 91 -6.45 -16.57 16.86
CA LEU B 91 -7.71 -16.21 17.52
C LEU B 91 -8.40 -15.07 16.77
N ARG B 92 -9.68 -15.27 16.48
CA ARG B 92 -10.51 -14.17 15.99
C ARG B 92 -10.58 -13.06 17.03
N LEU B 93 -10.27 -11.84 16.62
CA LEU B 93 -10.36 -10.69 17.52
C LEU B 93 -11.77 -10.11 17.45
N ARG B 94 -12.23 -9.55 18.57
N ARG B 94 -12.19 -9.48 18.54
CA ARG B 94 -13.54 -8.92 18.66
CA ARG B 94 -13.54 -8.92 18.65
C ARG B 94 -13.41 -7.58 19.41
C ARG B 94 -13.49 -7.66 19.52
N GLY B 95 -14.46 -6.77 19.32
CA GLY B 95 -14.52 -5.53 20.09
C GLY B 95 -13.98 -4.33 19.34
N GLY B 96 -13.91 -3.20 20.05
CA GLY B 96 -13.57 -1.95 19.41
C GLY B 96 -12.13 -1.93 18.93
N MET B 97 -11.88 -1.16 17.86
CA MET B 97 -10.55 -1.14 17.25
C MET B 97 -10.38 0.15 16.46
N GLN B 98 -9.14 0.39 16.04
CA GLN B 98 -8.80 1.49 15.15
C GLN B 98 -8.66 0.95 13.75
N ILE B 99 -9.10 1.74 12.75
CA ILE B 99 -8.73 1.56 11.36
C ILE B 99 -8.26 2.91 10.82
N PHE B 100 -7.50 2.84 9.72
CA PHE B 100 -6.85 3.99 9.12
C PHE B 100 -7.33 4.14 7.69
N VAL B 101 -7.76 5.34 7.32
CA VAL B 101 -8.38 5.59 6.03
C VAL B 101 -7.55 6.61 5.27
N LYS B 102 -7.02 6.20 4.12
CA LYS B 102 -6.04 6.97 3.35
C LYS B 102 -6.74 7.67 2.18
N THR B 103 -6.45 8.95 1.98
CA THR B 103 -7.07 9.71 0.92
C THR B 103 -6.06 10.03 -0.19
N LEU B 104 -6.63 10.44 -1.33
N LEU B 104 -6.61 10.46 -1.33
CA LEU B 104 -5.81 10.85 -2.47
CA LEU B 104 -5.76 10.82 -2.46
C LEU B 104 -4.88 11.99 -2.11
C LEU B 104 -4.87 12.00 -2.12
N THR B 105 -5.35 12.93 -1.28
CA THR B 105 -4.57 14.08 -0.88
C THR B 105 -3.49 13.76 0.15
N GLY B 106 -3.31 12.49 0.53
CA GLY B 106 -2.25 12.10 1.43
C GLY B 106 -2.61 12.02 2.90
N LYS B 107 -3.89 12.13 3.24
CA LYS B 107 -4.29 12.19 4.63
C LYS B 107 -4.63 10.81 5.15
N THR B 108 -4.28 10.56 6.40
CA THR B 108 -4.66 9.33 7.08
C THR B 108 -5.66 9.68 8.18
N ILE B 109 -6.94 9.39 7.93
N ILE B 109 -6.92 9.30 7.97
CA ILE B 109 -7.99 9.52 8.92
CA ILE B 109 -8.01 9.52 8.92
C ILE B 109 -7.98 8.31 9.84
C ILE B 109 -8.09 8.31 9.85
N THR B 110 -8.04 8.56 11.14
CA THR B 110 -8.05 7.51 12.16
C THR B 110 -9.45 7.39 12.73
N LEU B 111 -10.03 6.20 12.63
N LEU B 111 -10.04 6.20 12.62
CA LEU B 111 -11.38 5.93 13.09
CA LEU B 111 -11.40 5.99 13.11
C LEU B 111 -11.36 4.98 14.29
C LEU B 111 -11.41 4.97 14.25
N GLU B 112 -12.29 5.20 15.23
CA GLU B 112 -12.62 4.20 16.23
C GLU B 112 -13.89 3.48 15.78
N VAL B 113 -13.80 2.15 15.59
CA VAL B 113 -14.89 1.37 15.00
C VAL B 113 -15.04 0.06 15.78
N GLU B 114 -16.13 -0.63 15.49
CA GLU B 114 -16.38 -1.99 15.93
C GLU B 114 -16.60 -2.84 14.70
N PRO B 115 -16.37 -4.16 14.79
CA PRO B 115 -16.60 -5.01 13.60
C PRO B 115 -18.04 -4.96 13.11
N SER B 116 -19.00 -4.70 14.01
CA SER B 116 -20.42 -4.63 13.66
C SER B 116 -20.83 -3.31 13.02
N ASP B 117 -19.95 -2.30 12.98
CA ASP B 117 -20.29 -1.07 12.28
C ASP B 117 -20.57 -1.33 10.81
N THR B 118 -21.60 -0.67 10.27
CA THR B 118 -21.84 -0.80 8.84
C THR B 118 -20.93 0.15 8.06
N ILE B 119 -20.74 -0.19 6.78
CA ILE B 119 -19.99 0.68 5.88
C ILE B 119 -20.62 2.07 5.83
N GLU B 120 -21.95 2.12 5.77
CA GLU B 120 -22.65 3.40 5.81
C GLU B 120 -22.29 4.19 7.06
N ASN B 121 -22.20 3.51 8.20
CA ASN B 121 -21.84 4.19 9.43
C ASN B 121 -20.38 4.67 9.41
N VAL B 122 -19.48 3.86 8.85
CA VAL B 122 -18.09 4.28 8.75
C VAL B 122 -17.98 5.55 7.90
N LYS B 123 -18.77 5.64 6.83
CA LYS B 123 -18.79 6.87 6.03
C LYS B 123 -19.31 8.05 6.85
N ALA B 124 -20.26 7.78 7.75
CA ALA B 124 -20.74 8.84 8.63
C ALA B 124 -19.63 9.33 9.56
N LYS B 125 -18.82 8.39 10.07
CA LYS B 125 -17.73 8.78 10.95
C LYS B 125 -16.70 9.60 10.22
N ILE B 126 -16.52 9.33 8.91
CA ILE B 126 -15.57 10.10 8.12
C ILE B 126 -16.10 11.52 7.91
N GLN B 127 -17.40 11.65 7.67
CA GLN B 127 -17.99 12.99 7.59
C GLN B 127 -17.81 13.74 8.90
N ASP B 128 -18.02 13.06 10.03
CA ASP B 128 -17.78 13.69 11.32
C ASP B 128 -16.36 14.25 11.40
N LYS B 129 -15.36 13.47 10.98
CA LYS B 129 -13.97 13.88 11.09
C LYS B 129 -13.63 15.02 10.11
N GLU B 130 -14.01 14.85 8.85
CA GLU B 130 -13.43 15.61 7.75
C GLU B 130 -14.44 16.39 6.92
N GLY B 131 -15.72 16.28 7.22
CA GLY B 131 -16.70 17.05 6.47
C GLY B 131 -16.99 16.55 5.07
N ILE B 132 -16.60 15.32 4.75
CA ILE B 132 -16.88 14.73 3.44
C ILE B 132 -18.26 14.10 3.46
N PRO B 133 -19.19 14.55 2.61
CA PRO B 133 -20.51 13.88 2.53
C PRO B 133 -20.39 12.42 2.17
N PRO B 134 -21.18 11.54 2.79
CA PRO B 134 -21.07 10.11 2.50
C PRO B 134 -21.42 9.72 1.07
N ASP B 135 -22.27 10.49 0.38
CA ASP B 135 -22.71 10.03 -0.94
C ASP B 135 -21.62 10.11 -1.98
N GLN B 136 -20.54 10.82 -1.67
N GLN B 136 -20.53 10.82 -1.73
CA GLN B 136 -19.36 10.91 -2.53
CA GLN B 136 -19.42 10.75 -2.67
C GLN B 136 -18.39 9.76 -2.29
C GLN B 136 -18.19 10.09 -2.05
N GLN B 137 -18.41 9.19 -1.10
CA GLN B 137 -17.35 8.31 -0.58
C GLN B 137 -17.43 6.90 -1.16
N ARG B 138 -16.29 6.38 -1.60
CA ARG B 138 -16.12 4.95 -1.86
C ARG B 138 -14.96 4.42 -1.00
N LEU B 139 -15.21 3.35 -0.25
CA LEU B 139 -14.17 2.74 0.60
C LEU B 139 -13.68 1.45 -0.04
N ILE B 140 -12.37 1.27 -0.06
CA ILE B 140 -11.73 0.12 -0.70
C ILE B 140 -10.96 -0.63 0.38
N PHE B 141 -11.08 -1.96 0.40
CA PHE B 141 -10.30 -2.81 1.30
C PHE B 141 -9.86 -4.03 0.51
N ALA B 142 -8.55 -4.30 0.52
CA ALA B 142 -8.02 -5.48 -0.17
C ALA B 142 -8.50 -5.51 -1.63
N GLY B 143 -8.44 -4.34 -2.29
CA GLY B 143 -8.79 -4.20 -3.68
C GLY B 143 -10.27 -4.10 -4.01
N LYS B 144 -11.16 -4.34 -3.04
N LYS B 144 -11.17 -4.35 -3.06
CA LYS B 144 -12.59 -4.42 -3.25
CA LYS B 144 -12.59 -4.42 -3.37
C LYS B 144 -13.28 -3.16 -2.77
C LYS B 144 -13.34 -3.24 -2.76
N GLN B 145 -14.24 -2.67 -3.55
CA GLN B 145 -15.10 -1.58 -3.11
C GLN B 145 -16.15 -2.10 -2.14
N LEU B 146 -16.31 -1.43 -1.00
CA LEU B 146 -17.18 -1.91 0.09
C LEU B 146 -18.59 -1.37 -0.09
N GLU B 147 -19.59 -2.21 0.20
CA GLU B 147 -20.99 -1.89 -0.06
C GLU B 147 -21.71 -1.43 1.21
N ASP B 148 -22.61 -0.47 1.04
CA ASP B 148 -23.13 0.35 2.16
C ASP B 148 -23.81 -0.50 3.24
N GLY B 149 -24.50 -1.56 2.86
CA GLY B 149 -25.27 -2.33 3.82
C GLY B 149 -24.51 -3.42 4.57
N ARG B 150 -23.25 -3.64 4.24
N ARG B 150 -23.24 -3.62 4.25
CA ARG B 150 -22.48 -4.66 4.92
CA ARG B 150 -22.43 -4.63 4.91
C ARG B 150 -21.84 -4.05 6.17
C ARG B 150 -21.70 -4.01 6.10
N THR B 151 -21.16 -4.88 6.96
CA THR B 151 -20.38 -4.45 8.10
C THR B 151 -18.91 -4.66 7.81
N LEU B 152 -18.06 -4.07 8.67
CA LEU B 152 -16.63 -4.33 8.57
C LEU B 152 -16.33 -5.82 8.73
N SER B 153 -17.06 -6.50 9.63
CA SER B 153 -16.82 -7.93 9.81
C SER B 153 -17.18 -8.74 8.55
N ASP B 154 -18.17 -8.31 7.77
CA ASP B 154 -18.50 -9.04 6.55
C ASP B 154 -17.31 -9.10 5.60
N TYR B 155 -16.45 -8.08 5.62
CA TYR B 155 -15.23 -8.06 4.81
C TYR B 155 -13.99 -8.53 5.56
N ASN B 156 -14.16 -8.98 6.81
N ASN B 156 -14.12 -8.99 6.80
CA ASN B 156 -13.06 -9.44 7.65
CA ASN B 156 -12.97 -9.49 7.58
C ASN B 156 -11.98 -8.38 7.78
C ASN B 156 -11.97 -8.38 7.92
N ILE B 157 -12.41 -7.12 7.95
CA ILE B 157 -11.50 -6.00 8.17
C ILE B 157 -10.98 -6.07 9.61
N GLN B 158 -9.67 -5.89 9.78
CA GLN B 158 -8.97 -6.19 11.02
C GLN B 158 -8.50 -4.92 11.73
N LYS B 159 -8.23 -5.02 13.03
CA LYS B 159 -7.74 -3.85 13.77
C LYS B 159 -6.45 -3.33 13.14
N GLU B 160 -6.38 -1.99 13.02
CA GLU B 160 -5.25 -1.21 12.50
C GLU B 160 -5.06 -1.36 10.99
N SER B 161 -6.02 -1.98 10.30
N SER B 161 -5.98 -2.01 10.29
CA SER B 161 -5.96 -2.10 8.85
CA SER B 161 -5.77 -2.13 8.85
C SER B 161 -6.01 -0.73 8.18
C SER B 161 -6.10 -0.81 8.14
N THR B 162 -5.56 -0.67 6.94
CA THR B 162 -5.68 0.52 6.12
C THR B 162 -6.78 0.32 5.08
N LEU B 163 -7.73 1.26 5.05
N LEU B 163 -7.71 1.27 5.02
CA LEU B 163 -8.67 1.40 3.95
CA LEU B 163 -8.69 1.34 3.92
C LEU B 163 -8.24 2.55 3.06
C LEU B 163 -8.40 2.58 3.10
N HIS B 164 -8.83 2.62 1.87
N HIS B 164 -8.79 2.57 1.83
CA HIS B 164 -8.57 3.70 0.94
CA HIS B 164 -8.56 3.71 0.95
C HIS B 164 -9.88 4.38 0.56
C HIS B 164 -9.89 4.37 0.61
N LEU B 165 -9.94 5.69 0.75
CA LEU B 165 -11.14 6.46 0.49
C LEU B 165 -11.00 7.12 -0.87
N VAL B 166 -11.96 6.86 -1.76
CA VAL B 166 -12.05 7.48 -3.07
C VAL B 166 -13.20 8.47 -3.05
N LEU B 167 -12.96 9.69 -3.52
CA LEU B 167 -14.00 10.72 -3.51
C LEU B 167 -14.63 10.82 -4.90
N ARG B 168 -15.35 11.91 -5.17
CA ARG B 168 -16.19 11.99 -6.36
C ARG B 168 -15.40 11.73 -7.63
N LEU B 169 -15.94 10.85 -8.48
CA LEU B 169 -15.41 10.60 -9.83
C LEU B 169 -16.37 11.20 -10.86
N ARG B 170 -15.89 12.17 -11.63
N ARG B 170 -15.90 12.18 -11.63
CA ARG B 170 -16.71 12.78 -12.66
CA ARG B 170 -16.75 12.77 -12.66
C ARG B 170 -17.01 11.82 -13.80
C ARG B 170 -17.03 11.81 -13.80
N GLY B 171 -16.19 10.79 -13.99
CA GLY B 171 -16.45 9.77 -14.99
C GLY B 171 -17.21 8.58 -14.48
N GLY B 172 -17.46 8.49 -13.17
N GLY B 172 -17.44 8.48 -13.18
CA GLY B 172 -18.13 7.36 -12.59
CA GLY B 172 -18.28 7.43 -12.62
C GLY B 172 -17.18 6.22 -12.29
C GLY B 172 -17.54 6.17 -12.17
N GLY C 15 -1.24 3.88 15.93
CA GLY C 15 -1.26 5.22 15.37
C GLY C 15 0.05 5.62 14.71
N SER C 16 1.09 4.81 14.95
CA SER C 16 2.41 5.00 14.34
C SER C 16 2.65 3.89 13.32
N GLN C 17 3.09 4.27 12.13
CA GLN C 17 3.44 3.26 11.14
C GLN C 17 4.65 2.46 11.63
N ARG C 18 4.71 1.18 11.24
CA ARG C 18 5.77 0.31 11.71
C ARG C 18 7.14 0.82 11.27
N SER C 19 8.11 0.73 12.16
CA SER C 19 9.51 0.82 11.77
C SER C 19 9.91 -0.44 11.00
N SER C 20 11.00 -0.31 10.23
CA SER C 20 11.54 -1.46 9.51
C SER C 20 11.77 -2.66 10.44
N ALA C 21 12.29 -2.43 11.64
CA ALA C 21 12.54 -3.53 12.58
C ALA C 21 11.25 -4.19 13.05
N GLU C 22 10.21 -3.39 13.30
CA GLU C 22 8.92 -3.96 13.69
C GLU C 22 8.35 -4.82 12.57
N THR C 23 8.41 -4.33 11.34
CA THR C 23 7.95 -5.09 10.19
C THR C 23 8.73 -6.40 10.06
N SER C 24 10.06 -6.33 10.24
N SER C 24 10.05 -6.32 10.23
CA SER C 24 10.88 -7.53 10.15
CA SER C 24 10.87 -7.53 10.14
C SER C 24 10.50 -8.54 11.21
C SER C 24 10.47 -8.54 11.21
N GLU C 25 10.23 -8.07 12.43
CA GLU C 25 9.86 -8.99 13.52
C GLU C 25 8.56 -9.69 13.19
N LEU C 26 7.55 -8.94 12.73
CA LEU C 26 6.26 -9.55 12.36
C LEU C 26 6.42 -10.48 11.17
N ARG C 27 7.22 -10.09 10.18
CA ARG C 27 7.47 -10.97 9.05
C ARG C 27 8.03 -12.31 9.51
N GLU C 28 9.05 -12.28 10.37
N GLU C 28 9.03 -12.28 10.38
CA GLU C 28 9.67 -13.51 10.84
CA GLU C 28 9.67 -13.51 10.83
C GLU C 28 8.67 -14.41 11.55
C GLU C 28 8.69 -14.41 11.57
N ALA C 29 7.79 -13.82 12.37
CA ALA C 29 6.79 -14.62 13.08
C ALA C 29 5.76 -15.21 12.14
N LEU C 30 5.33 -14.43 11.14
CA LEU C 30 4.32 -14.91 10.20
C LEU C 30 4.88 -16.04 9.33
N LEU C 31 6.16 -15.98 8.96
CA LEU C 31 6.75 -17.05 8.14
C LEU C 31 6.79 -18.38 8.89
N LYS C 32 6.92 -18.36 10.22
CA LYS C 32 6.85 -19.61 10.98
C LYS C 32 5.44 -20.21 10.98
N ILE C 33 4.41 -19.37 10.90
CA ILE C 33 3.03 -19.88 10.86
C ILE C 33 2.64 -20.28 9.44
N PHE C 34 3.11 -19.52 8.44
CA PHE C 34 2.75 -19.70 7.04
C PHE C 34 4.02 -19.91 6.23
N PRO C 35 4.53 -21.15 6.14
CA PRO C 35 5.88 -21.37 5.62
C PRO C 35 6.02 -21.59 4.11
N ASP C 36 4.93 -21.64 3.34
N ASP C 36 4.94 -21.59 3.34
CA ASP C 36 5.15 -22.00 1.94
CA ASP C 36 5.06 -21.94 1.94
C ASP C 36 5.52 -20.76 1.12
C ASP C 36 5.46 -20.72 1.10
N SER C 37 5.94 -21.01 -0.11
CA SER C 37 6.50 -19.96 -0.95
C SER C 37 5.47 -18.95 -1.44
N GLU C 38 4.24 -19.41 -1.74
CA GLU C 38 3.20 -18.43 -2.07
C GLU C 38 2.85 -17.56 -0.87
N GLN C 39 2.90 -18.14 0.34
CA GLN C 39 2.50 -17.38 1.52
C GLN C 39 3.54 -16.32 1.86
N LYS C 40 4.82 -16.63 1.63
CA LYS C 40 5.89 -15.64 1.82
C LYS C 40 5.61 -14.37 1.02
N LEU C 41 5.16 -14.52 -0.23
CA LEU C 41 4.84 -13.36 -1.06
C LEU C 41 3.61 -12.61 -0.52
N LYS C 42 2.59 -13.35 -0.10
CA LYS C 42 1.37 -12.70 0.37
C LYS C 42 1.60 -11.94 1.67
N ILE C 43 2.40 -12.50 2.59
CA ILE C 43 2.77 -11.81 3.82
C ILE C 43 3.38 -10.45 3.51
N ASP C 44 4.35 -10.41 2.58
CA ASP C 44 5.03 -9.17 2.26
C ASP C 44 4.06 -8.14 1.68
N GLN C 45 3.12 -8.59 0.84
N GLN C 45 3.12 -8.59 0.84
CA GLN C 45 2.15 -7.65 0.26
CA GLN C 45 2.14 -7.66 0.26
C GLN C 45 1.19 -7.12 1.31
C GLN C 45 1.18 -7.13 1.30
N ILE C 46 0.78 -7.96 2.27
CA ILE C 46 -0.10 -7.50 3.33
C ILE C 46 0.61 -6.49 4.21
N LEU C 47 1.86 -6.78 4.59
CA LEU C 47 2.59 -5.83 5.41
C LEU C 47 2.73 -4.50 4.70
N ALA C 48 3.03 -4.53 3.40
CA ALA C 48 3.18 -3.30 2.64
C ALA C 48 1.87 -2.53 2.57
N ALA C 49 0.76 -3.26 2.44
CA ALA C 49 -0.54 -2.62 2.28
C ALA C 49 -1.09 -2.06 3.60
N HIS C 50 -0.68 -2.59 4.75
CA HIS C 50 -1.23 -2.18 6.05
C HIS C 50 -0.11 -1.80 7.02
N PRO C 51 0.50 -0.64 6.81
CA PRO C 51 1.70 -0.27 7.60
C PRO C 51 1.44 0.03 9.07
N TYR C 52 0.18 0.15 9.52
CA TYR C 52 -0.10 0.37 10.93
C TYR C 52 -0.33 -0.92 11.72
N MET C 53 -0.47 -2.07 11.08
CA MET C 53 -0.88 -3.28 11.81
C MET C 53 0.30 -3.89 12.58
N LYS C 54 0.10 -4.07 13.87
CA LYS C 54 1.13 -4.61 14.75
C LYS C 54 0.68 -5.87 15.46
N ASP C 55 -0.54 -6.34 15.21
CA ASP C 55 -1.11 -7.46 15.93
C ASP C 55 -1.02 -8.73 15.07
N LEU C 56 -0.32 -9.75 15.61
N LEU C 56 -0.32 -9.75 15.60
CA LEU C 56 -0.06 -10.96 14.85
CA LEU C 56 -0.05 -10.96 14.83
C LEU C 56 -1.34 -11.72 14.51
C LEU C 56 -1.32 -11.76 14.54
N ASN C 57 -2.34 -11.68 15.40
CA ASN C 57 -3.60 -12.37 15.10
C ASN C 57 -4.32 -11.71 13.94
N ALA C 58 -4.25 -10.39 13.89
CA ALA C 58 -4.96 -9.66 12.85
C ALA C 58 -4.24 -9.79 11.51
N LEU C 59 -2.90 -9.76 11.51
CA LEU C 59 -2.17 -10.05 10.29
C LEU C 59 -2.44 -11.46 9.79
N SER C 60 -2.46 -12.44 10.70
CA SER C 60 -2.75 -13.82 10.28
C SER C 60 -4.15 -13.96 9.70
N ALA C 61 -5.12 -13.22 10.25
CA ALA C 61 -6.45 -13.22 9.67
C ALA C 61 -6.44 -12.78 8.21
N LEU C 62 -5.66 -11.73 7.88
CA LEU C 62 -5.59 -11.33 6.47
C LEU C 62 -4.91 -12.39 5.62
N VAL C 63 -3.91 -13.08 6.17
CA VAL C 63 -3.31 -14.20 5.42
C VAL C 63 -4.32 -15.34 5.26
N LEU C 64 -5.04 -15.69 6.32
CA LEU C 64 -5.96 -16.83 6.28
C LEU C 64 -7.18 -16.57 5.40
N ASP C 65 -7.70 -15.35 5.39
CA ASP C 65 -8.92 -15.06 4.66
C ASP C 65 -8.67 -14.66 3.22
N GLY C 66 -7.42 -14.63 2.79
CA GLY C 66 -7.11 -14.26 1.43
C GLY C 66 -7.34 -12.79 1.12
N ASN C 67 -7.17 -11.92 2.12
CA ASN C 67 -7.44 -10.50 1.94
C ASN C 67 -6.16 -9.72 1.62
N SER C 68 -5.48 -10.22 0.57
CA SER C 68 -4.34 -9.61 -0.15
C SER C 68 -3.05 -10.33 0.21
N GLY D 15 0.71 -2.22 -1.12
CA GLY D 15 0.80 -3.67 -1.28
C GLY D 15 -0.44 -4.27 -1.93
N SER D 16 -1.45 -3.43 -2.19
CA SER D 16 -2.70 -3.83 -2.84
C SER D 16 -2.82 -3.11 -4.18
N GLN D 17 -3.07 -3.88 -5.25
CA GLN D 17 -3.27 -3.27 -6.55
C GLN D 17 -4.51 -2.39 -6.51
N ARG D 18 -4.46 -1.29 -7.25
CA ARG D 18 -5.56 -0.33 -7.27
C ARG D 18 -6.83 -0.99 -7.79
N SER D 19 -7.95 -0.70 -7.13
CA SER D 19 -9.24 -0.99 -7.69
C SER D 19 -9.52 -0.02 -8.83
N SER D 20 -10.54 -0.33 -9.62
N SER D 20 -10.54 -0.33 -9.63
CA SER D 20 -10.87 0.52 -10.75
CA SER D 20 -10.85 0.54 -10.75
C SER D 20 -11.20 1.95 -10.30
C SER D 20 -11.19 1.95 -10.29
N ALA D 21 -11.94 2.08 -9.19
CA ALA D 21 -12.25 3.43 -8.69
C ALA D 21 -10.98 4.18 -8.29
N GLU D 22 -10.03 3.51 -7.62
CA GLU D 22 -8.80 4.20 -7.23
C GLU D 22 -8.01 4.69 -8.44
N THR D 23 -7.94 3.86 -9.48
CA THR D 23 -7.29 4.26 -10.72
C THR D 23 -8.00 5.43 -11.39
N SER D 24 -9.35 5.41 -11.41
N SER D 24 -9.34 5.43 -11.41
CA SER D 24 -10.10 6.53 -11.98
CA SER D 24 -10.06 6.54 -12.02
C SER D 24 -9.81 7.82 -11.25
C SER D 24 -9.87 7.83 -11.25
N GLU D 25 -9.76 7.75 -9.92
CA GLU D 25 -9.53 8.95 -9.12
C GLU D 25 -8.15 9.53 -9.40
N LEU D 26 -7.14 8.68 -9.52
CA LEU D 26 -5.81 9.18 -9.84
C LEU D 26 -5.73 9.69 -11.27
N ARG D 27 -6.38 8.99 -12.22
CA ARG D 27 -6.40 9.47 -13.60
C ARG D 27 -7.00 10.86 -13.70
N GLU D 28 -8.17 11.06 -13.05
CA GLU D 28 -8.84 12.36 -13.13
C GLU D 28 -7.99 13.47 -12.50
N ALA D 29 -7.33 13.18 -11.38
CA ALA D 29 -6.44 14.17 -10.79
C ALA D 29 -5.25 14.49 -11.69
N LEU D 30 -4.64 13.47 -12.29
CA LEU D 30 -3.48 13.71 -13.16
C LEU D 30 -3.87 14.51 -14.40
N LEU D 31 -5.05 14.24 -14.96
CA LEU D 31 -5.45 14.99 -16.14
C LEU D 31 -5.65 16.47 -15.83
N LYS D 32 -6.02 16.81 -14.60
N LYS D 32 -6.06 16.81 -14.61
CA LYS D 32 -6.15 18.22 -14.24
CA LYS D 32 -6.14 18.22 -14.22
C LYS D 32 -4.79 18.89 -14.13
C LYS D 32 -4.77 18.87 -14.23
N ILE D 33 -3.74 18.12 -13.83
CA ILE D 33 -2.39 18.68 -13.77
C ILE D 33 -1.73 18.66 -15.16
N PHE D 34 -2.00 17.63 -15.96
CA PHE D 34 -1.30 17.39 -17.22
C PHE D 34 -2.36 17.26 -18.32
N PRO D 35 -2.83 18.38 -18.86
CA PRO D 35 -4.04 18.35 -19.69
C PRO D 35 -3.89 18.19 -21.20
N ASP D 36 -2.68 18.02 -21.75
N ASP D 36 -2.69 18.01 -21.76
CA ASP D 36 -2.52 17.87 -23.19
CA ASP D 36 -2.63 17.91 -23.21
C ASP D 36 -2.90 16.47 -23.65
C ASP D 36 -2.87 16.48 -23.66
N SER D 37 -3.16 16.34 -24.96
CA SER D 37 -3.57 15.05 -25.52
C SER D 37 -2.47 13.99 -25.42
N GLU D 38 -1.20 14.38 -25.59
CA GLU D 38 -0.15 13.39 -25.43
C GLU D 38 0.00 12.91 -23.99
N GLN D 39 -0.24 13.81 -23.04
CA GLN D 39 -0.10 13.46 -21.63
C GLN D 39 -1.18 12.47 -21.22
N LYS D 40 -2.38 12.65 -21.76
N LYS D 40 -2.38 12.66 -21.76
CA LYS D 40 -3.49 11.75 -21.49
CA LYS D 40 -3.49 11.75 -21.50
C LYS D 40 -3.14 10.30 -21.81
C LYS D 40 -3.13 10.31 -21.81
N LEU D 41 -2.46 10.08 -22.94
CA LEU D 41 -2.05 8.73 -23.30
C LEU D 41 -0.96 8.21 -22.39
N LYS D 42 0.00 9.08 -22.04
CA LYS D 42 1.11 8.63 -21.19
C LYS D 42 0.62 8.29 -19.80
N ILE D 43 -0.33 9.09 -19.27
CA ILE D 43 -0.91 8.82 -17.96
C ILE D 43 -1.51 7.43 -17.92
N ASP D 44 -2.30 7.08 -18.94
CA ASP D 44 -2.93 5.78 -18.96
C ASP D 44 -1.91 4.67 -19.03
N GLN D 45 -0.83 4.86 -19.81
N GLN D 45 -0.83 4.87 -19.80
CA GLN D 45 0.20 3.84 -19.91
CA GLN D 45 0.20 3.85 -19.92
C GLN D 45 0.92 3.66 -18.58
C GLN D 45 0.95 3.66 -18.61
N ILE D 46 1.18 4.76 -17.88
CA ILE D 46 1.86 4.69 -16.59
C ILE D 46 0.98 3.98 -15.56
N LEU D 47 -0.30 4.33 -15.50
CA LEU D 47 -1.19 3.64 -14.56
C LEU D 47 -1.22 2.15 -14.84
N ALA D 48 -1.29 1.77 -16.12
CA ALA D 48 -1.36 0.34 -16.47
C ALA D 48 -0.06 -0.37 -16.10
N ALA D 49 1.07 0.30 -16.26
CA ALA D 49 2.36 -0.32 -15.95
C ALA D 49 2.64 -0.43 -14.45
N HIS D 50 2.02 0.38 -13.59
CA HIS D 50 2.37 0.41 -12.17
C HIS D 50 1.08 0.32 -11.36
N PRO D 51 0.51 -0.86 -11.23
CA PRO D 51 -0.83 -0.99 -10.61
C PRO D 51 -0.85 -0.79 -9.10
N TYR D 52 0.31 -0.74 -8.43
CA TYR D 52 0.33 -0.48 -7.00
C TYR D 52 0.47 1.00 -6.66
N MET D 53 0.87 1.84 -7.60
CA MET D 53 1.12 3.24 -7.27
C MET D 53 -0.17 3.96 -6.88
N LYS D 54 -0.13 4.60 -5.71
CA LYS D 54 -1.28 5.33 -5.21
C LYS D 54 -0.96 6.77 -4.85
N ASP D 55 0.31 7.18 -4.98
CA ASP D 55 0.78 8.51 -4.59
C ASP D 55 0.83 9.43 -5.81
N LEU D 56 0.04 10.51 -5.74
N LEU D 56 0.06 10.51 -5.74
CA LEU D 56 -0.06 11.44 -6.85
CA LEU D 56 -0.06 11.42 -6.87
C LEU D 56 1.30 12.07 -7.19
C LEU D 56 1.26 12.13 -7.18
N ASN D 57 2.11 12.36 -6.17
CA ASN D 57 3.42 12.96 -6.46
C ASN D 57 4.31 11.99 -7.24
N ALA D 58 4.28 10.72 -6.83
CA ALA D 58 5.10 9.70 -7.49
C ALA D 58 4.63 9.48 -8.93
N LEU D 59 3.32 9.39 -9.13
CA LEU D 59 2.81 9.28 -10.50
C LEU D 59 3.19 10.50 -11.32
N SER D 60 3.07 11.71 -10.74
CA SER D 60 3.43 12.91 -11.47
C SER D 60 4.90 12.90 -11.88
N ALA D 61 5.77 12.36 -11.02
CA ALA D 61 7.19 12.27 -11.39
C ALA D 61 7.38 11.44 -12.65
N LEU D 62 6.69 10.30 -12.77
CA LEU D 62 6.81 9.50 -13.98
C LEU D 62 6.26 10.24 -15.20
N VAL D 63 5.22 11.05 -15.02
CA VAL D 63 4.74 11.83 -16.16
C VAL D 63 5.76 12.89 -16.55
N LEU D 64 6.36 13.56 -15.56
CA LEU D 64 7.21 14.72 -15.86
C LEU D 64 8.53 14.32 -16.50
N ASP D 65 9.10 13.17 -16.13
CA ASP D 65 10.41 12.78 -16.61
C ASP D 65 10.35 11.74 -17.70
N GLY D 66 9.16 11.52 -18.28
CA GLY D 66 9.04 10.67 -19.44
C GLY D 66 9.26 9.20 -19.19
N ASN D 67 9.03 8.73 -17.96
CA ASN D 67 9.25 7.32 -17.62
C ASN D 67 8.05 6.46 -17.90
N SER D 68 7.42 6.64 -19.05
CA SER D 68 6.22 5.92 -19.46
C SER D 68 6.56 4.58 -20.13
C1 GOL E . 1.18 6.95 3.92
O1 GOL E . 2.23 7.78 4.31
C2 GOL E . 1.82 5.62 3.40
O2 GOL E . 2.73 5.10 4.30
C3 GOL E . 2.51 5.98 2.09
O3 GOL E . 1.63 6.79 1.38
LI LI F . -5.70 -31.54 1.59
#